data_4M2X
#
_entry.id   4M2X
#
_cell.length_a   36.090
_cell.length_b   64.838
_cell.length_c   68.062
_cell.angle_alpha   93.480
_cell.angle_beta   94.100
_cell.angle_gamma   100.250
#
_symmetry.space_group_name_H-M   'P 1'
#
loop_
_entity.id
_entity.type
_entity.pdbx_description
1 polymer 'Dihydrofolate reductase'
2 non-polymer 'NADPH DIHYDRO-NICOTINAMIDE-ADENINE-DINUCLEOTIDE PHOSPHATE'
3 non-polymer TRIMETREXATE
4 non-polymer 'ACETATE ION'
5 non-polymer 'PHOSPHATE ION'
6 water water
#
_entity_poly.entity_id   1
_entity_poly.type   'polypeptide(L)'
_entity_poly.pdbx_seq_one_letter_code
;GSHMVGLIWAQATSGVIGRGGDIPWRLPEDQAHFREITMGHTIVMGRRTWDSLPAKVRPLPGRRNVVLSRQADFMASGAE
VVGSLEEALTSPETWVIGGGQVYALALPYATRCEVTEVDIGLPREAGDALAPVLDETWRGETGEWRFSRSGLRYRLYSYH
RS
;
_entity_poly.pdbx_strand_id   A,C,E,G
#
# COMPACT_ATOMS: atom_id res chain seq x y z
N MET A 4 -28.67 23.26 34.38
CA MET A 4 -27.76 23.55 33.27
C MET A 4 -26.46 22.76 33.42
N VAL A 5 -26.00 22.17 32.33
CA VAL A 5 -24.71 21.49 32.33
C VAL A 5 -23.85 22.08 31.22
N GLY A 6 -22.73 22.65 31.62
CA GLY A 6 -21.80 23.27 30.71
C GLY A 6 -20.54 22.42 30.53
N LEU A 7 -19.98 22.47 29.33
CA LEU A 7 -18.67 21.91 29.06
C LEU A 7 -17.75 23.09 28.84
N ILE A 8 -16.53 22.98 29.34
CA ILE A 8 -15.50 23.98 29.07
C ILE A 8 -14.17 23.28 28.86
N TRP A 9 -13.47 23.66 27.80
CA TRP A 9 -12.15 23.13 27.54
C TRP A 9 -11.34 24.05 26.64
N ALA A 10 -10.05 23.76 26.58
CA ALA A 10 -9.13 24.45 25.71
C ALA A 10 -8.55 23.43 24.77
N GLN A 11 -8.59 23.70 23.47
CA GLN A 11 -8.07 22.76 22.50
C GLN A 11 -7.14 23.40 21.50
N ALA A 12 -6.22 22.59 20.98
CA ALA A 12 -5.45 23.00 19.83
C ALA A 12 -6.46 23.02 18.70
N THR A 13 -6.20 23.79 17.65
CA THR A 13 -7.08 23.83 16.47
C THR A 13 -7.56 22.43 16.06
N SER A 14 -6.65 21.46 16.07
CA SER A 14 -6.94 20.07 15.70
C SER A 14 -7.92 19.29 16.60
N GLY A 15 -8.15 19.77 17.82
CA GLY A 15 -9.11 19.13 18.71
C GLY A 15 -8.43 18.44 19.88
N VAL A 16 -7.11 18.38 19.82
CA VAL A 16 -6.29 17.87 20.89
C VAL A 16 -6.36 18.77 22.14
N ILE A 17 -6.72 18.17 23.29
CA ILE A 17 -6.79 18.89 24.55
C ILE A 17 -5.76 18.37 25.55
N GLY A 18 -5.24 17.19 25.30
CA GLY A 18 -4.31 16.57 26.22
C GLY A 18 -3.49 15.45 25.59
N ARG A 19 -2.26 15.29 26.07
CA ARG A 19 -1.37 14.26 25.58
C ARG A 19 -0.34 13.95 26.68
N GLY A 20 -0.02 12.67 26.85
CA GLY A 20 0.89 12.29 27.91
C GLY A 20 0.39 12.61 29.32
N GLY A 21 -0.91 12.80 29.48
CA GLY A 21 -1.47 13.05 30.80
C GLY A 21 -1.32 14.51 31.21
N ASP A 22 -1.15 15.37 30.21
CA ASP A 22 -0.88 16.78 30.42
C ASP A 22 -1.43 17.53 29.23
N ILE A 23 -1.34 18.84 29.29
CA ILE A 23 -1.85 19.68 28.23
C ILE A 23 -0.63 20.16 27.46
N PRO A 24 -0.67 20.06 26.13
CA PRO A 24 0.52 20.36 25.35
C PRO A 24 0.75 21.86 25.09
N TRP A 25 0.39 22.71 26.04
CA TRP A 25 0.74 24.14 25.96
C TRP A 25 0.56 24.77 27.33
N ARG A 26 0.92 26.04 27.43
CA ARG A 26 0.63 26.83 28.62
C ARG A 26 0.09 28.15 28.15
N LEU A 27 -1.13 28.43 28.55
CA LEU A 27 -1.80 29.64 28.14
C LEU A 27 -2.46 30.20 29.39
N PRO A 28 -1.76 31.11 30.08
CA PRO A 28 -2.28 31.66 31.34
C PRO A 28 -3.58 32.40 31.11
N GLU A 29 -3.75 33.02 29.95
CA GLU A 29 -5.00 33.72 29.70
C GLU A 29 -6.15 32.73 29.72
N ASP A 30 -5.87 31.50 29.29
CA ASP A 30 -6.88 30.45 29.31
C ASP A 30 -7.22 29.98 30.73
N GLN A 31 -6.19 29.82 31.57
CA GLN A 31 -6.40 29.51 32.99
C GLN A 31 -7.35 30.54 33.62
N ALA A 32 -7.08 31.81 33.33
CA ALA A 32 -7.88 32.91 33.83
C ALA A 32 -9.32 32.75 33.39
N HIS A 33 -9.51 32.54 32.10
CA HIS A 33 -10.84 32.29 31.57
C HIS A 33 -11.53 31.11 32.24
N PHE A 34 -10.79 30.02 32.39
CA PHE A 34 -11.36 28.80 32.98
C PHE A 34 -11.80 29.11 34.42
N ARG A 35 -10.91 29.78 35.13
CA ARG A 35 -11.15 30.18 36.52
C ARG A 35 -12.33 31.13 36.62
N GLU A 36 -12.40 32.08 35.71
CA GLU A 36 -13.49 33.04 35.72
C GLU A 36 -14.83 32.33 35.57
N ILE A 37 -14.92 31.40 34.62
CA ILE A 37 -16.20 30.75 34.31
C ILE A 37 -16.65 29.74 35.40
N THR A 38 -15.70 29.05 36.03
CA THR A 38 -16.05 27.91 36.88
C THR A 38 -16.11 28.28 38.35
N MET A 39 -15.41 29.35 38.72
CA MET A 39 -15.41 29.89 40.06
C MET A 39 -16.79 29.84 40.67
N GLY A 40 -16.90 29.30 41.88
CA GLY A 40 -18.15 29.29 42.62
C GLY A 40 -19.14 28.24 42.17
N HIS A 41 -18.76 27.44 41.16
CA HIS A 41 -19.65 26.39 40.69
C HIS A 41 -19.19 25.00 41.04
N THR A 42 -20.06 24.04 40.74
CA THR A 42 -19.67 22.64 40.78
C THR A 42 -18.91 22.30 39.50
N ILE A 43 -17.77 21.65 39.66
CA ILE A 43 -17.03 21.14 38.51
C ILE A 43 -16.98 19.62 38.52
N VAL A 44 -17.08 19.03 37.34
CA VAL A 44 -17.02 17.58 37.19
C VAL A 44 -15.83 17.25 36.30
N MET A 45 -14.96 16.35 36.76
CA MET A 45 -13.79 15.98 35.97
C MET A 45 -13.50 14.48 36.06
N GLY A 46 -12.90 13.94 35.01
CA GLY A 46 -12.48 12.56 35.03
C GLY A 46 -11.35 12.33 36.02
N ARG A 47 -11.22 11.10 36.50
CA ARG A 47 -10.14 10.78 37.40
C ARG A 47 -8.79 11.16 36.80
N ARG A 48 -8.62 11.00 35.50
CA ARG A 48 -7.34 11.37 34.87
C ARG A 48 -7.06 12.86 34.89
N THR A 49 -8.12 13.66 34.80
CA THR A 49 -7.96 15.11 34.85
C THR A 49 -7.51 15.46 36.25
N TRP A 50 -8.23 14.95 37.24
CA TRP A 50 -7.86 15.11 38.65
C TRP A 50 -6.39 14.82 38.85
N ASP A 51 -5.94 13.64 38.42
CA ASP A 51 -4.53 13.26 38.53
C ASP A 51 -3.62 14.22 37.74
N SER A 52 -4.11 14.74 36.63
CA SER A 52 -3.34 15.68 35.82
C SER A 52 -3.19 17.07 36.45
N LEU A 53 -4.01 17.38 37.44
CA LEU A 53 -3.96 18.68 38.09
C LEU A 53 -2.69 18.81 38.92
N PRO A 54 -1.95 19.89 38.71
CA PRO A 54 -0.82 20.15 39.61
C PRO A 54 -1.34 20.14 41.04
N ALA A 55 -0.57 19.53 41.93
CA ALA A 55 -0.95 19.34 43.31
C ALA A 55 -1.56 20.57 43.99
N LYS A 56 -1.00 21.75 43.71
CA LYS A 56 -1.40 22.98 44.38
C LYS A 56 -2.72 23.60 43.93
N VAL A 57 -3.33 23.04 42.90
CA VAL A 57 -4.66 23.48 42.47
C VAL A 57 -5.64 22.33 42.46
N ARG A 58 -5.41 21.34 43.31
CA ARG A 58 -6.41 20.31 43.56
C ARG A 58 -6.63 20.11 45.04
N PRO A 59 -7.89 20.21 45.49
CA PRO A 59 -9.03 20.42 44.60
C PRO A 59 -8.98 21.84 44.00
N LEU A 60 -9.67 22.08 42.90
CA LEU A 60 -9.73 23.44 42.37
C LEU A 60 -10.40 24.39 43.36
N PRO A 61 -9.63 25.37 43.84
CA PRO A 61 -10.13 26.23 44.90
C PRO A 61 -11.39 26.95 44.47
N GLY A 62 -12.40 26.99 45.34
CA GLY A 62 -13.54 27.86 45.12
C GLY A 62 -14.61 27.19 44.31
N ARG A 63 -14.38 25.94 43.94
CA ARG A 63 -15.36 25.16 43.21
C ARG A 63 -15.61 23.85 43.93
N ARG A 64 -16.84 23.36 43.82
CA ARG A 64 -17.18 22.08 44.42
C ARG A 64 -16.62 21.00 43.49
N ASN A 65 -15.54 20.34 43.88
CA ASN A 65 -14.94 19.33 42.98
C ASN A 65 -15.59 17.97 43.03
N VAL A 66 -16.04 17.51 41.86
CA VAL A 66 -16.57 16.17 41.66
C VAL A 66 -15.73 15.38 40.65
N VAL A 67 -15.29 14.19 41.02
CA VAL A 67 -14.42 13.38 40.19
C VAL A 67 -15.09 12.05 39.88
N LEU A 68 -15.22 11.75 38.59
CA LEU A 68 -15.72 10.47 38.12
C LEU A 68 -14.59 9.47 38.16
N SER A 69 -14.84 8.34 38.80
CA SER A 69 -13.91 7.21 38.77
C SER A 69 -14.72 5.92 38.87
N ARG A 70 -14.25 4.87 38.23
CA ARG A 70 -14.85 3.57 38.44
C ARG A 70 -14.16 2.86 39.59
N GLN A 71 -13.00 3.35 40.00
CA GLN A 71 -12.22 2.67 41.03
C GLN A 71 -12.82 2.94 42.40
N ALA A 72 -13.25 1.88 43.10
CA ALA A 72 -13.98 2.07 44.36
C ALA A 72 -13.08 2.52 45.53
N ASP A 73 -11.82 2.12 45.51
CA ASP A 73 -10.91 2.63 46.54
C ASP A 73 -10.45 4.07 46.26
N PHE A 74 -10.83 4.64 45.12
CA PHE A 74 -10.27 5.91 44.72
C PHE A 74 -10.67 7.05 45.63
N MET A 75 -9.68 7.71 46.22
CA MET A 75 -9.94 8.90 47.04
C MET A 75 -9.31 10.12 46.40
N ALA A 76 -10.07 11.21 46.39
CA ALA A 76 -9.62 12.49 45.85
C ALA A 76 -9.87 13.51 46.94
N SER A 77 -8.83 13.79 47.71
CA SER A 77 -8.96 14.59 48.90
C SER A 77 -9.53 15.95 48.57
N GLY A 78 -10.69 16.26 49.15
CA GLY A 78 -11.32 17.55 49.01
C GLY A 78 -12.27 17.57 47.84
N ALA A 79 -12.57 16.39 47.31
CA ALA A 79 -13.52 16.28 46.21
C ALA A 79 -14.52 15.16 46.48
N GLU A 80 -15.61 15.17 45.74
CA GLU A 80 -16.54 14.04 45.80
C GLU A 80 -16.21 13.04 44.67
N VAL A 81 -15.88 11.82 45.05
CA VAL A 81 -15.68 10.77 44.07
C VAL A 81 -17.02 10.10 43.78
N VAL A 82 -17.41 10.01 42.51
CA VAL A 82 -18.62 9.31 42.13
C VAL A 82 -18.37 8.30 41.00
N GLY A 83 -19.28 7.35 40.88
CA GLY A 83 -19.11 6.23 39.97
C GLY A 83 -19.90 6.38 38.68
N SER A 84 -20.59 7.51 38.51
CA SER A 84 -21.34 7.74 37.28
C SER A 84 -21.67 9.23 37.09
N LEU A 85 -21.86 9.61 35.83
CA LEU A 85 -22.21 10.98 35.48
C LEU A 85 -23.48 11.45 36.14
N GLU A 86 -24.46 10.56 36.25
CA GLU A 86 -25.77 10.93 36.76
C GLU A 86 -25.75 11.27 38.25
N GLU A 87 -24.82 10.66 38.99
CA GLU A 87 -24.60 11.08 40.38
C GLU A 87 -23.82 12.39 40.39
N ALA A 88 -23.00 12.58 39.36
CA ALA A 88 -22.13 13.74 39.27
C ALA A 88 -22.84 15.02 38.77
N LEU A 89 -23.99 14.86 38.12
CA LEU A 89 -24.69 16.01 37.53
C LEU A 89 -25.81 16.54 38.41
N THR A 90 -25.67 16.32 39.71
CA THR A 90 -26.72 16.68 40.67
C THR A 90 -26.94 18.18 40.83
N SER A 91 -25.89 18.99 40.66
CA SER A 91 -26.01 20.45 40.83
C SER A 91 -26.66 21.15 39.63
N PRO A 92 -27.53 22.13 39.92
CA PRO A 92 -28.26 22.99 38.99
C PRO A 92 -27.39 23.63 37.92
N GLU A 93 -26.15 23.98 38.24
CA GLU A 93 -25.27 24.50 37.22
C GLU A 93 -23.90 23.86 37.38
N THR A 94 -23.64 22.84 36.58
CA THR A 94 -22.41 22.10 36.68
C THR A 94 -21.56 22.39 35.47
N TRP A 95 -20.31 22.78 35.68
CA TRP A 95 -19.34 22.81 34.59
C TRP A 95 -18.53 21.52 34.53
N VAL A 96 -18.63 20.82 33.39
CA VAL A 96 -17.80 19.68 33.09
C VAL A 96 -16.48 20.21 32.55
N ILE A 97 -15.39 19.95 33.27
CA ILE A 97 -14.09 20.53 32.90
C ILE A 97 -13.07 19.47 32.48
N GLY A 98 -13.55 18.27 32.25
CA GLY A 98 -12.78 17.17 32.76
C GLY A 98 -12.49 15.94 31.99
N GLY A 99 -11.77 16.10 30.89
CA GLY A 99 -11.21 14.97 30.20
C GLY A 99 -11.94 14.73 28.90
N GLY A 100 -11.20 14.25 27.92
CA GLY A 100 -11.81 13.78 26.69
C GLY A 100 -12.91 12.78 26.96
N GLN A 101 -12.62 11.73 27.72
CA GLN A 101 -13.61 10.68 27.96
C GLN A 101 -14.87 11.32 28.52
N VAL A 102 -14.70 12.24 29.45
CA VAL A 102 -15.82 12.79 30.20
C VAL A 102 -16.65 13.80 29.38
N TYR A 103 -16.02 14.59 28.52
CA TYR A 103 -16.81 15.48 27.67
C TYR A 103 -17.79 14.65 26.86
N ALA A 104 -17.29 13.54 26.31
CA ALA A 104 -18.10 12.67 25.46
C ALA A 104 -19.31 12.05 26.22
N LEU A 105 -19.13 11.70 27.49
CA LEU A 105 -20.25 11.22 28.32
C LEU A 105 -21.22 12.36 28.58
N ALA A 106 -20.67 13.51 28.95
CA ALA A 106 -21.43 14.65 29.41
C ALA A 106 -22.16 15.35 28.29
N LEU A 107 -21.62 15.23 27.08
CA LEU A 107 -22.15 15.93 25.91
C LEU A 107 -23.69 15.90 25.76
N PRO A 108 -24.27 14.71 25.82
CA PRO A 108 -25.70 14.70 25.49
C PRO A 108 -26.57 15.48 26.48
N TYR A 109 -25.99 15.83 27.63
CA TYR A 109 -26.68 16.56 28.68
C TYR A 109 -26.39 18.06 28.70
N ALA A 110 -25.36 18.49 27.97
CA ALA A 110 -24.87 19.86 28.06
C ALA A 110 -25.67 20.83 27.21
N THR A 111 -25.79 22.06 27.68
CA THR A 111 -26.45 23.09 26.90
C THR A 111 -25.55 24.30 26.67
N ARG A 112 -24.39 24.32 27.30
CA ARG A 112 -23.37 25.30 26.98
C ARG A 112 -22.01 24.62 26.83
N CYS A 113 -21.16 25.23 26.00
CA CYS A 113 -19.74 24.90 25.94
C CYS A 113 -18.93 26.19 25.89
N GLU A 114 -17.82 26.23 26.60
CA GLU A 114 -16.90 27.32 26.44
C GLU A 114 -15.58 26.71 25.97
N VAL A 115 -15.16 27.11 24.78
CA VAL A 115 -13.98 26.55 24.17
C VAL A 115 -12.95 27.65 24.01
N THR A 116 -11.72 27.31 24.32
CA THR A 116 -10.60 28.15 24.01
C THR A 116 -9.86 27.42 22.92
N GLU A 117 -9.70 28.05 21.77
CA GLU A 117 -8.88 27.51 20.72
C GLU A 117 -7.48 28.09 20.74
N VAL A 118 -6.50 27.22 20.82
CA VAL A 118 -5.11 27.63 20.83
C VAL A 118 -4.51 27.37 19.45
N ASP A 119 -3.86 28.39 18.90
CA ASP A 119 -3.33 28.30 17.54
C ASP A 119 -2.00 27.55 17.52
N ILE A 120 -2.06 26.26 17.74
CA ILE A 120 -0.88 25.43 17.61
C ILE A 120 -1.22 24.22 16.77
N GLY A 121 -0.29 23.88 15.86
CA GLY A 121 -0.46 22.78 14.95
C GLY A 121 -0.01 21.55 15.70
N LEU A 122 -0.93 20.62 15.87
CA LEU A 122 -0.71 19.47 16.70
C LEU A 122 -1.61 18.45 16.09
N PRO A 123 -1.05 17.44 15.43
CA PRO A 123 -1.91 16.44 14.80
C PRO A 123 -2.62 15.61 15.87
N ARG A 124 -3.87 15.20 15.63
CA ARG A 124 -4.57 14.31 16.54
C ARG A 124 -3.83 12.99 16.50
N GLU A 125 -3.63 12.37 17.66
CA GLU A 125 -2.91 11.11 17.74
C GLU A 125 -3.66 10.11 18.62
N ALA A 126 -3.49 8.81 18.34
CA ALA A 126 -4.10 7.78 19.19
C ALA A 126 -3.69 8.01 20.64
N GLY A 127 -4.63 8.00 21.56
CA GLY A 127 -4.31 8.34 22.94
C GLY A 127 -4.57 9.79 23.34
N ASP A 128 -4.49 10.73 22.40
CA ASP A 128 -4.81 12.11 22.70
C ASP A 128 -6.19 12.21 23.38
N ALA A 129 -6.30 13.06 24.39
CA ALA A 129 -7.61 13.50 24.84
C ALA A 129 -8.03 14.56 23.82
N LEU A 130 -9.25 14.41 23.34
CA LEU A 130 -9.77 15.22 22.26
C LEU A 130 -11.03 15.92 22.67
N ALA A 131 -11.25 17.08 22.06
CA ALA A 131 -12.48 17.82 22.20
C ALA A 131 -13.61 17.09 21.49
N PRO A 132 -14.84 17.19 22.03
CA PRO A 132 -16.04 16.61 21.42
C PRO A 132 -16.44 17.43 20.21
N VAL A 133 -17.10 16.78 19.25
CA VAL A 133 -17.64 17.49 18.10
C VAL A 133 -19.04 18.01 18.45
N LEU A 134 -19.33 19.25 18.09
CA LEU A 134 -20.66 19.79 18.34
C LEU A 134 -21.49 19.72 17.07
N ASP A 135 -22.60 19.00 17.13
CA ASP A 135 -23.39 18.78 15.94
C ASP A 135 -24.25 19.99 15.61
N GLU A 136 -25.19 19.81 14.70
CA GLU A 136 -25.99 20.94 14.24
C GLU A 136 -27.07 21.37 15.22
N THR A 137 -27.11 20.75 16.40
CA THR A 137 -28.07 21.19 17.41
C THR A 137 -27.55 22.43 18.13
N TRP A 138 -26.26 22.71 17.96
CA TRP A 138 -25.56 23.79 18.67
C TRP A 138 -25.40 25.10 17.86
N ARG A 139 -25.35 26.21 18.58
CA ARG A 139 -25.23 27.54 18.00
C ARG A 139 -23.98 28.13 18.59
N GLY A 140 -23.11 28.64 17.74
CA GLY A 140 -21.83 29.10 18.24
C GLY A 140 -21.62 30.58 18.03
N GLU A 141 -20.86 31.19 18.93
CA GLU A 141 -20.40 32.55 18.79
C GLU A 141 -18.89 32.49 18.83
N THR A 142 -18.25 33.06 17.82
CA THR A 142 -16.81 32.93 17.69
C THR A 142 -16.14 34.25 17.99
N GLY A 143 -15.24 34.24 18.96
CA GLY A 143 -14.47 35.41 19.33
C GLY A 143 -13.25 35.56 18.44
N GLU A 144 -12.62 36.73 18.54
CA GLU A 144 -11.52 37.11 17.69
C GLU A 144 -10.22 36.53 18.19
N TRP A 145 -9.28 36.34 17.27
CA TRP A 145 -7.95 35.88 17.63
C TRP A 145 -7.33 36.89 18.57
N ARG A 146 -6.56 36.42 19.54
CA ARG A 146 -5.78 37.31 20.36
C ARG A 146 -4.39 36.72 20.53
N PHE A 147 -3.46 37.53 21.01
CA PHE A 147 -2.13 37.02 21.30
C PHE A 147 -1.93 36.95 22.80
N SER A 148 -1.54 35.78 23.27
CA SER A 148 -1.18 35.59 24.66
C SER A 148 -0.01 36.53 24.95
N ARG A 149 0.26 36.76 26.22
CA ARG A 149 1.45 37.52 26.56
C ARG A 149 2.64 36.68 26.12
N SER A 150 2.37 35.39 25.93
CA SER A 150 3.40 34.41 25.57
C SER A 150 3.49 34.19 24.08
N GLY A 151 2.78 35.01 23.30
CA GLY A 151 2.81 34.89 21.85
C GLY A 151 1.99 33.74 21.27
N LEU A 152 1.33 32.97 22.11
CA LEU A 152 0.37 32.01 21.62
C LEU A 152 -0.87 32.75 21.17
N ARG A 153 -1.25 32.58 19.91
CA ARG A 153 -2.53 33.07 19.45
C ARG A 153 -3.64 32.15 19.97
N TYR A 154 -4.76 32.71 20.41
CA TYR A 154 -5.89 31.91 20.85
C TYR A 154 -7.20 32.65 20.62
N ARG A 155 -8.31 31.93 20.54
CA ARG A 155 -9.60 32.61 20.54
C ARG A 155 -10.66 31.84 21.29
N LEU A 156 -11.75 32.53 21.60
CA LEU A 156 -12.79 31.93 22.41
C LEU A 156 -14.05 31.72 21.59
N TYR A 157 -14.71 30.59 21.84
CA TYR A 157 -16.01 30.29 21.28
C TYR A 157 -16.97 30.02 22.43
N SER A 158 -18.20 30.48 22.29
CA SER A 158 -19.26 30.12 23.22
C SER A 158 -20.39 29.45 22.46
N TYR A 159 -20.86 28.35 23.01
CA TYR A 159 -21.85 27.53 22.34
C TYR A 159 -23.01 27.30 23.26
N HIS A 160 -24.21 27.21 22.68
CA HIS A 160 -25.39 26.99 23.51
C HIS A 160 -26.41 26.27 22.64
N ARG A 161 -27.42 25.68 23.25
CA ARG A 161 -28.48 25.03 22.51
C ARG A 161 -29.68 24.82 23.40
N SER A 162 -30.83 24.55 22.79
CA SER A 162 -32.07 24.31 23.53
C SER A 162 -31.97 23.05 24.38
N MET B 4 -25.68 -11.70 -37.57
CA MET B 4 -25.36 -10.54 -36.74
C MET B 4 -24.40 -10.93 -35.61
N VAL B 5 -23.27 -10.24 -35.55
CA VAL B 5 -22.38 -10.33 -34.41
C VAL B 5 -22.18 -8.94 -33.82
N GLY B 6 -22.59 -8.78 -32.57
CA GLY B 6 -22.36 -7.57 -31.81
C GLY B 6 -21.34 -7.82 -30.72
N LEU B 7 -20.54 -6.78 -30.41
CA LEU B 7 -19.58 -6.84 -29.31
C LEU B 7 -20.08 -5.89 -28.23
N ILE B 8 -20.00 -6.32 -26.97
CA ILE B 8 -20.34 -5.42 -25.90
C ILE B 8 -19.22 -5.45 -24.92
N TRP B 9 -18.80 -4.27 -24.47
CA TRP B 9 -17.77 -4.19 -23.46
C TRP B 9 -17.79 -2.87 -22.69
N ALA B 10 -17.15 -2.90 -21.54
CA ALA B 10 -16.90 -1.68 -20.79
C ALA B 10 -15.39 -1.45 -20.77
N GLN B 11 -14.98 -0.21 -20.95
CA GLN B 11 -13.56 0.08 -20.91
C GLN B 11 -13.22 1.36 -20.14
N ALA B 12 -12.02 1.39 -19.60
CA ALA B 12 -11.47 2.65 -19.11
C ALA B 12 -11.06 3.43 -20.34
N THR B 13 -10.81 4.72 -20.17
CA THR B 13 -10.41 5.58 -21.27
C THR B 13 -9.17 5.05 -21.96
N SER B 14 -8.32 4.38 -21.21
CA SER B 14 -7.09 3.78 -21.75
C SER B 14 -7.35 2.59 -22.70
N GLY B 15 -8.53 1.99 -22.64
CA GLY B 15 -8.78 0.82 -23.45
C GLY B 15 -8.74 -0.44 -22.60
N VAL B 16 -8.19 -0.30 -21.40
CA VAL B 16 -8.07 -1.44 -20.49
C VAL B 16 -9.46 -1.95 -20.16
N ILE B 17 -9.72 -3.23 -20.46
CA ILE B 17 -10.97 -3.83 -20.02
C ILE B 17 -10.75 -4.80 -18.86
N GLY B 18 -9.52 -5.25 -18.66
CA GLY B 18 -9.30 -6.34 -17.73
C GLY B 18 -7.96 -6.29 -17.04
N ARG B 19 -7.92 -6.64 -15.77
CA ARG B 19 -6.67 -6.59 -15.04
C ARG B 19 -6.69 -7.57 -13.87
N GLY B 20 -5.62 -8.35 -13.75
CA GLY B 20 -5.52 -9.32 -12.67
C GLY B 20 -6.68 -10.30 -12.70
N GLY B 21 -7.14 -10.62 -13.90
CA GLY B 21 -8.19 -11.59 -14.07
C GLY B 21 -9.54 -11.07 -13.63
N ASP B 22 -9.68 -9.77 -13.61
CA ASP B 22 -10.87 -9.17 -13.05
C ASP B 22 -11.15 -7.87 -13.82
N ILE B 23 -12.21 -7.17 -13.46
CA ILE B 23 -12.46 -5.85 -14.01
C ILE B 23 -12.13 -4.75 -13.01
N PRO B 24 -11.28 -3.79 -13.42
CA PRO B 24 -10.61 -2.85 -12.50
C PRO B 24 -11.49 -1.66 -12.07
N TRP B 25 -12.81 -1.83 -12.08
CA TRP B 25 -13.74 -0.85 -11.57
C TRP B 25 -15.00 -1.60 -11.30
N ARG B 26 -15.93 -0.95 -10.62
CA ARG B 26 -17.24 -1.53 -10.39
C ARG B 26 -18.20 -0.42 -10.81
N LEU B 27 -19.24 -0.78 -11.57
CA LEU B 27 -20.15 0.23 -12.08
C LEU B 27 -21.52 -0.35 -12.36
N PRO B 28 -22.43 -0.25 -11.39
CA PRO B 28 -23.72 -0.93 -11.52
C PRO B 28 -24.52 -0.52 -12.76
N GLU B 29 -24.53 0.75 -13.12
CA GLU B 29 -25.25 1.18 -14.32
C GLU B 29 -24.80 0.39 -15.51
N ASP B 30 -23.52 0.02 -15.52
CA ASP B 30 -22.97 -0.71 -16.66
C ASP B 30 -23.39 -2.16 -16.61
N GLN B 31 -23.35 -2.74 -15.42
CA GLN B 31 -23.93 -4.07 -15.20
C GLN B 31 -25.34 -4.10 -15.79
N ALA B 32 -26.12 -3.05 -15.52
CA ALA B 32 -27.52 -2.96 -15.94
C ALA B 32 -27.67 -2.84 -17.46
N HIS B 33 -26.79 -2.05 -18.05
CA HIS B 33 -26.81 -1.89 -19.48
C HIS B 33 -26.47 -3.24 -20.15
N PHE B 34 -25.35 -3.83 -19.77
CA PHE B 34 -24.97 -5.19 -20.16
C PHE B 34 -26.14 -6.15 -20.12
N ARG B 35 -26.77 -6.31 -18.95
CA ARG B 35 -27.93 -7.19 -18.83
C ARG B 35 -29.00 -6.83 -19.84
N GLU B 36 -29.23 -5.55 -20.01
CA GLU B 36 -30.28 -5.10 -20.88
C GLU B 36 -29.94 -5.43 -22.32
N ILE B 37 -28.68 -5.31 -22.70
CA ILE B 37 -28.36 -5.57 -24.09
C ILE B 37 -28.44 -7.08 -24.34
N THR B 38 -27.85 -7.88 -23.45
CA THR B 38 -27.58 -9.28 -23.73
C THR B 38 -28.70 -10.24 -23.34
N MET B 39 -29.52 -9.83 -22.39
CA MET B 39 -30.56 -10.70 -21.88
C MET B 39 -31.37 -11.38 -22.99
N GLY B 40 -31.44 -12.70 -22.90
CA GLY B 40 -32.23 -13.48 -23.84
C GLY B 40 -31.53 -13.87 -25.13
N HIS B 41 -30.29 -13.42 -25.28
CA HIS B 41 -29.49 -13.69 -26.47
C HIS B 41 -28.43 -14.74 -26.22
N THR B 42 -27.91 -15.29 -27.31
CA THR B 42 -26.71 -16.08 -27.22
C THR B 42 -25.54 -15.13 -26.99
N ILE B 43 -24.66 -15.52 -26.06
CA ILE B 43 -23.46 -14.76 -25.76
C ILE B 43 -22.23 -15.65 -25.86
N VAL B 44 -21.20 -15.08 -26.47
CA VAL B 44 -19.91 -15.71 -26.62
C VAL B 44 -18.82 -14.99 -25.85
N MET B 45 -18.10 -15.75 -25.05
CA MET B 45 -17.04 -15.19 -24.24
C MET B 45 -15.81 -16.09 -24.34
N GLY B 46 -14.64 -15.52 -24.12
CA GLY B 46 -13.44 -16.31 -23.99
C GLY B 46 -13.48 -17.13 -22.73
N ARG B 47 -12.59 -18.11 -22.64
CA ARG B 47 -12.60 -19.01 -21.50
C ARG B 47 -12.20 -18.26 -20.22
N ARG B 48 -11.27 -17.32 -20.34
CA ARG B 48 -10.81 -16.56 -19.18
C ARG B 48 -11.95 -15.75 -18.60
N THR B 49 -12.76 -15.16 -19.48
CA THR B 49 -13.92 -14.39 -19.04
C THR B 49 -14.91 -15.27 -18.30
N TRP B 50 -15.12 -16.46 -18.83
CA TRP B 50 -16.01 -17.41 -18.20
C TRP B 50 -15.51 -17.66 -16.78
N ASP B 51 -14.25 -18.06 -16.66
CA ASP B 51 -13.62 -18.23 -15.34
C ASP B 51 -13.75 -17.00 -14.44
N SER B 52 -13.60 -15.81 -15.03
CA SER B 52 -13.60 -14.57 -14.24
C SER B 52 -14.96 -14.20 -13.65
N LEU B 53 -16.05 -14.68 -14.26
CA LEU B 53 -17.39 -14.42 -13.74
C LEU B 53 -17.56 -14.97 -12.32
N PRO B 54 -18.20 -14.21 -11.42
CA PRO B 54 -18.52 -14.74 -10.09
C PRO B 54 -19.39 -15.99 -10.22
N ALA B 55 -19.20 -16.96 -9.36
CA ALA B 55 -19.86 -18.25 -9.53
C ALA B 55 -21.39 -18.18 -9.58
N LYS B 56 -21.98 -17.13 -9.03
CA LYS B 56 -23.44 -17.07 -8.97
C LYS B 56 -24.02 -16.45 -10.25
N VAL B 57 -23.17 -16.02 -11.15
CA VAL B 57 -23.65 -15.48 -12.41
C VAL B 57 -23.00 -16.28 -13.54
N ARG B 58 -22.47 -17.46 -13.18
CA ARG B 58 -21.77 -18.30 -14.13
C ARG B 58 -22.43 -19.68 -14.20
N PRO B 59 -23.18 -19.94 -15.28
CA PRO B 59 -23.27 -19.11 -16.47
C PRO B 59 -24.23 -17.93 -16.27
N LEU B 60 -24.12 -16.91 -17.10
CA LEU B 60 -25.00 -15.76 -16.98
C LEU B 60 -26.44 -16.15 -17.31
N PRO B 61 -27.35 -15.90 -16.37
CA PRO B 61 -28.76 -16.29 -16.50
C PRO B 61 -29.53 -15.56 -17.60
N GLY B 62 -30.40 -16.30 -18.30
CA GLY B 62 -31.28 -15.74 -19.29
C GLY B 62 -30.62 -15.61 -20.65
N ARG B 63 -29.44 -16.22 -20.75
CA ARG B 63 -28.65 -16.15 -21.96
C ARG B 63 -28.06 -17.51 -22.30
N ARG B 64 -27.95 -17.80 -23.59
CA ARG B 64 -27.27 -19.01 -24.02
C ARG B 64 -25.79 -18.70 -23.99
N ASN B 65 -25.10 -19.29 -23.03
CA ASN B 65 -23.69 -19.01 -22.80
C ASN B 65 -22.82 -19.88 -23.67
N VAL B 66 -21.97 -19.25 -24.46
CA VAL B 66 -20.99 -19.98 -25.23
C VAL B 66 -19.60 -19.57 -24.80
N VAL B 67 -18.75 -20.55 -24.54
CA VAL B 67 -17.37 -20.33 -24.15
C VAL B 67 -16.42 -20.81 -25.23
N LEU B 68 -15.49 -19.96 -25.60
CA LEU B 68 -14.52 -20.28 -26.62
C LEU B 68 -13.28 -20.77 -25.92
N SER B 69 -12.85 -21.99 -26.25
CA SER B 69 -11.65 -22.53 -25.65
C SER B 69 -10.94 -23.46 -26.60
N ARG B 70 -9.62 -23.53 -26.50
CA ARG B 70 -8.84 -24.44 -27.32
C ARG B 70 -8.57 -25.74 -26.61
N GLN B 71 -9.01 -25.84 -25.36
CA GLN B 71 -8.79 -27.03 -24.54
C GLN B 71 -9.81 -28.10 -24.88
N ALA B 72 -9.33 -29.27 -25.30
CA ALA B 72 -10.21 -30.38 -25.67
C ALA B 72 -11.16 -30.78 -24.55
N ASP B 73 -10.61 -31.00 -23.35
CA ASP B 73 -11.37 -31.50 -22.22
C ASP B 73 -12.33 -30.46 -21.62
N PHE B 74 -12.05 -29.18 -21.85
CA PHE B 74 -12.65 -28.12 -21.02
C PHE B 74 -14.13 -28.30 -20.78
N MET B 75 -14.52 -28.20 -19.51
CA MET B 75 -15.89 -28.38 -19.12
C MET B 75 -16.43 -27.07 -18.58
N ALA B 76 -17.62 -26.72 -19.01
CA ALA B 76 -18.24 -25.47 -18.57
C ALA B 76 -19.69 -25.71 -18.22
N SER B 77 -19.97 -26.01 -16.96
CA SER B 77 -21.33 -26.39 -16.59
C SER B 77 -22.28 -25.27 -16.89
N GLY B 78 -23.22 -25.52 -17.78
CA GLY B 78 -24.20 -24.51 -18.14
C GLY B 78 -23.84 -23.84 -19.45
N ALA B 79 -22.66 -24.14 -19.97
CA ALA B 79 -22.19 -23.49 -21.19
C ALA B 79 -21.91 -24.45 -22.36
N GLU B 80 -22.10 -23.91 -23.56
CA GLU B 80 -21.69 -24.57 -24.77
C GLU B 80 -20.22 -24.23 -24.99
N VAL B 81 -19.34 -25.23 -24.88
CA VAL B 81 -17.92 -25.02 -25.13
C VAL B 81 -17.61 -25.26 -26.58
N VAL B 82 -16.87 -24.34 -27.19
CA VAL B 82 -16.40 -24.54 -28.58
C VAL B 82 -14.96 -24.11 -28.73
N GLY B 83 -14.38 -24.48 -29.86
CA GLY B 83 -12.98 -24.27 -30.13
C GLY B 83 -12.68 -23.29 -31.27
N SER B 84 -13.70 -22.90 -32.02
CA SER B 84 -13.57 -21.85 -33.03
C SER B 84 -14.73 -20.85 -32.96
N LEU B 85 -14.49 -19.62 -33.38
CA LEU B 85 -15.53 -18.61 -33.44
C LEU B 85 -16.62 -19.12 -34.37
N GLU B 86 -16.20 -19.79 -35.43
CA GLU B 86 -17.13 -20.32 -36.43
C GLU B 86 -18.21 -21.15 -35.74
N GLU B 87 -17.79 -22.05 -34.86
CA GLU B 87 -18.72 -22.88 -34.11
C GLU B 87 -19.63 -22.10 -33.18
N ALA B 88 -19.12 -21.03 -32.58
CA ALA B 88 -19.88 -20.29 -31.59
C ALA B 88 -20.99 -19.46 -32.23
N LEU B 89 -20.77 -19.06 -33.48
CA LEU B 89 -21.70 -18.19 -34.20
C LEU B 89 -22.75 -19.02 -34.92
N THR B 90 -23.75 -19.49 -34.19
CA THR B 90 -24.81 -20.26 -34.81
C THR B 90 -26.10 -19.45 -34.80
N SER B 91 -26.29 -18.66 -33.74
CA SER B 91 -27.52 -17.86 -33.61
C SER B 91 -27.53 -16.71 -34.61
N PRO B 92 -28.71 -16.39 -35.14
CA PRO B 92 -28.88 -15.24 -36.03
C PRO B 92 -28.24 -13.96 -35.47
N GLU B 93 -28.40 -13.75 -34.16
CA GLU B 93 -27.85 -12.60 -33.48
C GLU B 93 -27.06 -13.07 -32.25
N THR B 94 -25.82 -12.61 -32.12
CA THR B 94 -24.93 -13.09 -31.08
C THR B 94 -24.14 -11.96 -30.49
N TRP B 95 -23.93 -12.01 -29.18
CA TRP B 95 -23.19 -10.96 -28.50
C TRP B 95 -21.93 -11.51 -27.92
N VAL B 96 -20.81 -11.02 -28.43
CA VAL B 96 -19.52 -11.41 -27.90
C VAL B 96 -19.27 -10.54 -26.70
N ILE B 97 -19.06 -11.17 -25.56
CA ILE B 97 -19.06 -10.43 -24.30
C ILE B 97 -17.71 -10.39 -23.63
N GLY B 98 -16.65 -10.69 -24.36
CA GLY B 98 -15.40 -10.40 -23.75
C GLY B 98 -14.27 -11.38 -23.72
N GLY B 99 -13.24 -10.88 -23.06
CA GLY B 99 -11.88 -11.21 -23.34
C GLY B 99 -11.43 -10.20 -24.38
N GLY B 100 -10.37 -9.47 -24.07
CA GLY B 100 -9.65 -8.74 -25.10
C GLY B 100 -9.34 -9.62 -26.29
N GLN B 101 -8.89 -10.85 -26.02
CA GLN B 101 -8.54 -11.79 -27.08
C GLN B 101 -9.73 -12.12 -27.98
N VAL B 102 -10.85 -12.47 -27.38
CA VAL B 102 -12.02 -12.80 -28.17
C VAL B 102 -12.57 -11.55 -28.87
N TYR B 103 -12.48 -10.39 -28.24
CA TYR B 103 -12.88 -9.17 -28.95
C TYR B 103 -12.07 -9.04 -30.23
N ALA B 104 -10.76 -9.19 -30.12
CA ALA B 104 -9.89 -9.02 -31.27
C ALA B 104 -10.17 -10.07 -32.34
N LEU B 105 -10.60 -11.24 -31.90
CA LEU B 105 -10.90 -12.35 -32.78
C LEU B 105 -12.20 -12.08 -33.51
N ALA B 106 -13.17 -11.48 -32.81
CA ALA B 106 -14.51 -11.29 -33.36
C ALA B 106 -14.75 -10.00 -34.12
N LEU B 107 -13.97 -8.96 -33.84
CA LEU B 107 -14.18 -7.63 -34.44
C LEU B 107 -14.47 -7.73 -35.93
N PRO B 108 -13.61 -8.43 -36.69
CA PRO B 108 -13.85 -8.54 -38.14
C PRO B 108 -15.23 -9.09 -38.45
N TYR B 109 -15.86 -9.81 -37.52
CA TYR B 109 -17.18 -10.39 -37.74
C TYR B 109 -18.30 -9.49 -37.30
N ALA B 110 -17.98 -8.53 -36.43
CA ALA B 110 -18.98 -7.76 -35.72
C ALA B 110 -19.59 -6.72 -36.63
N THR B 111 -20.89 -6.49 -36.50
CA THR B 111 -21.49 -5.40 -37.25
C THR B 111 -22.13 -4.42 -36.29
N ARG B 112 -21.97 -4.72 -35.01
CA ARG B 112 -22.45 -3.83 -33.97
C ARG B 112 -21.56 -3.91 -32.75
N CYS B 113 -21.27 -2.74 -32.16
CA CYS B 113 -20.56 -2.65 -30.89
C CYS B 113 -21.32 -1.77 -29.90
N GLU B 114 -21.49 -2.28 -28.68
CA GLU B 114 -22.04 -1.50 -27.57
C GLU B 114 -20.98 -1.33 -26.51
N VAL B 115 -20.59 -0.08 -26.29
CA VAL B 115 -19.46 0.21 -25.43
C VAL B 115 -19.87 1.10 -24.29
N THR B 116 -19.27 0.84 -23.15
CA THR B 116 -19.42 1.69 -22.04
C THR B 116 -18.04 2.18 -21.76
N GLU B 117 -17.84 3.47 -21.87
CA GLU B 117 -16.56 4.02 -21.52
C GLU B 117 -16.67 4.62 -20.14
N VAL B 118 -15.80 4.17 -19.26
CA VAL B 118 -15.78 4.63 -17.88
C VAL B 118 -14.65 5.64 -17.81
N ASP B 119 -14.98 6.85 -17.37
CA ASP B 119 -14.03 7.95 -17.38
C ASP B 119 -13.07 7.86 -16.20
N ILE B 120 -12.26 6.82 -16.22
CA ILE B 120 -11.18 6.64 -15.27
C ILE B 120 -9.92 6.36 -16.06
N GLY B 121 -9.26 7.40 -16.52
CA GLY B 121 -7.98 7.21 -17.17
C GLY B 121 -7.26 6.13 -16.38
N LEU B 122 -7.03 4.97 -16.98
CA LEU B 122 -6.49 3.87 -16.19
C LEU B 122 -5.36 3.21 -16.98
N PRO B 123 -4.16 3.79 -16.92
CA PRO B 123 -3.13 3.49 -17.91
C PRO B 123 -2.74 2.01 -18.00
N ARG B 124 -2.43 1.56 -19.22
CA ARG B 124 -2.06 0.18 -19.50
C ARG B 124 -0.89 -0.31 -18.67
N GLU B 125 -1.01 -1.52 -18.12
CA GLU B 125 0.11 -2.20 -17.49
C GLU B 125 0.27 -3.55 -18.21
N ALA B 126 1.47 -4.14 -18.12
CA ALA B 126 1.73 -5.42 -18.81
C ALA B 126 0.73 -6.43 -18.33
N GLY B 127 0.13 -7.17 -19.27
CA GLY B 127 -0.88 -8.15 -18.89
C GLY B 127 -2.32 -7.69 -19.01
N ASP B 128 -2.58 -6.38 -19.00
CA ASP B 128 -3.95 -5.92 -19.11
C ASP B 128 -4.62 -6.54 -20.33
N ALA B 129 -5.92 -6.83 -20.21
CA ALA B 129 -6.71 -7.08 -21.40
C ALA B 129 -7.24 -5.74 -21.92
N LEU B 130 -7.32 -5.63 -23.23
CA LEU B 130 -7.52 -4.35 -23.87
C LEU B 130 -8.74 -4.42 -24.79
N ALA B 131 -9.40 -3.26 -24.93
CA ALA B 131 -10.57 -3.14 -25.79
C ALA B 131 -10.09 -3.09 -27.22
N PRO B 132 -10.92 -3.59 -28.13
CA PRO B 132 -10.61 -3.41 -29.54
C PRO B 132 -10.81 -1.94 -29.94
N VAL B 133 -10.30 -1.61 -31.12
CA VAL B 133 -10.38 -0.27 -31.66
C VAL B 133 -11.51 -0.14 -32.68
N LEU B 134 -12.29 0.91 -32.55
CA LEU B 134 -13.30 1.19 -33.56
C LEU B 134 -12.63 1.99 -34.65
N ASP B 135 -12.62 1.45 -35.86
CA ASP B 135 -12.01 2.15 -36.95
C ASP B 135 -13.11 2.94 -37.63
N GLU B 136 -12.85 3.53 -38.78
CA GLU B 136 -13.89 4.39 -39.32
C GLU B 136 -14.84 3.69 -40.29
N THR B 137 -14.94 2.37 -40.15
CA THR B 137 -16.00 1.59 -40.81
C THR B 137 -17.29 1.74 -40.00
N TRP B 138 -17.16 2.18 -38.76
CA TRP B 138 -18.32 2.26 -37.88
C TRP B 138 -19.09 3.60 -37.94
N ARG B 139 -20.41 3.53 -38.04
CA ARG B 139 -21.26 4.71 -37.79
C ARG B 139 -22.14 4.50 -36.55
N GLY B 140 -22.54 5.60 -35.93
CA GLY B 140 -23.41 5.52 -34.77
C GLY B 140 -23.23 6.68 -33.82
N GLU B 141 -23.54 6.48 -32.55
CA GLU B 141 -23.45 7.59 -31.59
C GLU B 141 -22.55 7.28 -30.42
N THR B 142 -21.78 8.30 -30.04
CA THR B 142 -21.13 8.33 -28.75
C THR B 142 -22.04 9.14 -27.83
N GLY B 143 -22.56 8.48 -26.81
CA GLY B 143 -23.56 9.09 -25.94
C GLY B 143 -22.97 10.16 -25.06
N GLU B 144 -23.85 10.98 -24.47
CA GLU B 144 -23.45 12.03 -23.54
C GLU B 144 -22.95 11.44 -22.23
N TRP B 145 -21.97 12.11 -21.61
CA TRP B 145 -21.44 11.69 -20.32
C TRP B 145 -22.54 11.62 -19.29
N ARG B 146 -22.46 10.64 -18.39
CA ARG B 146 -23.49 10.47 -17.40
C ARG B 146 -22.74 10.26 -16.10
N PHE B 147 -23.39 10.51 -14.97
CA PHE B 147 -22.78 10.19 -13.69
C PHE B 147 -23.58 9.09 -13.01
N SER B 148 -22.86 8.11 -12.45
CA SER B 148 -23.50 7.00 -11.77
C SER B 148 -23.66 7.29 -10.29
N ARG B 149 -24.68 6.68 -9.69
CA ARG B 149 -24.88 6.79 -8.28
C ARG B 149 -23.53 6.92 -7.59
N SER B 150 -22.54 6.16 -8.05
CA SER B 150 -21.26 6.06 -7.35
C SER B 150 -20.29 7.22 -7.56
N GLY B 151 -20.58 8.10 -8.51
CA GLY B 151 -19.67 9.18 -8.82
C GLY B 151 -18.82 8.97 -10.07
N LEU B 152 -18.79 7.74 -10.59
CA LEU B 152 -18.06 7.50 -11.84
C LEU B 152 -18.75 8.17 -13.01
N ARG B 153 -18.00 8.82 -13.88
CA ARG B 153 -18.56 9.33 -15.10
C ARG B 153 -18.38 8.28 -16.19
N TYR B 154 -19.43 8.03 -16.97
CA TYR B 154 -19.32 7.05 -18.02
C TYR B 154 -20.16 7.52 -19.19
N ARG B 155 -19.94 6.93 -20.36
CA ARG B 155 -20.82 7.14 -21.49
C ARG B 155 -20.91 5.88 -22.32
N LEU B 156 -21.94 5.81 -23.15
CA LEU B 156 -22.24 4.62 -23.90
C LEU B 156 -22.01 4.93 -25.36
N TYR B 157 -21.26 4.07 -26.04
CA TYR B 157 -21.18 4.15 -27.48
C TYR B 157 -22.13 3.12 -28.06
N SER B 158 -22.82 3.48 -29.13
CA SER B 158 -23.55 2.49 -29.89
C SER B 158 -23.22 2.59 -31.37
N TYR B 159 -22.27 1.77 -31.83
CA TYR B 159 -21.84 1.83 -33.22
C TYR B 159 -22.19 0.56 -34.04
N HIS B 160 -22.28 0.72 -35.36
CA HIS B 160 -22.69 -0.36 -36.25
C HIS B 160 -22.12 -0.13 -37.64
N ARG B 161 -22.12 -1.18 -38.47
CA ARG B 161 -21.65 -1.06 -39.84
C ARG B 161 -22.26 -2.11 -40.74
N SER B 162 -22.15 -1.87 -42.05
CA SER B 162 -22.53 -2.85 -43.07
C SER B 162 -21.89 -4.23 -42.82
N MET C 4 34.10 -20.58 -28.63
CA MET C 4 33.48 -20.75 -27.32
C MET C 4 32.49 -19.64 -27.01
N VAL C 5 31.30 -20.02 -26.56
CA VAL C 5 30.31 -19.07 -26.06
C VAL C 5 30.09 -19.27 -24.56
N GLY C 6 30.29 -18.20 -23.80
CA GLY C 6 29.95 -18.19 -22.39
C GLY C 6 28.63 -17.46 -22.12
N LEU C 7 27.88 -17.99 -21.16
CA LEU C 7 26.73 -17.25 -20.67
C LEU C 7 27.05 -16.79 -19.26
N ILE C 8 26.83 -15.52 -18.97
CA ILE C 8 27.01 -15.01 -17.60
C ILE C 8 25.86 -14.08 -17.18
N TRP C 9 25.30 -14.36 -16.01
CA TRP C 9 24.17 -13.61 -15.46
C TRP C 9 24.14 -13.71 -13.95
N ALA C 10 23.34 -12.85 -13.35
CA ALA C 10 23.02 -12.89 -11.95
C ALA C 10 21.51 -13.02 -11.83
N GLN C 11 21.04 -13.83 -10.90
CA GLN C 11 19.60 -14.02 -10.74
C GLN C 11 19.25 -14.13 -9.29
N ALA C 12 18.00 -13.77 -8.98
CA ALA C 12 17.40 -14.10 -7.72
C ALA C 12 17.14 -15.60 -7.78
N THR C 13 16.82 -16.19 -6.64
CA THR C 13 16.49 -17.60 -6.59
C THR C 13 15.34 -17.95 -7.52
N SER C 14 14.45 -17.00 -7.80
CA SER C 14 13.32 -17.24 -8.68
C SER C 14 13.77 -17.40 -10.13
N GLY C 15 14.98 -16.97 -10.44
CA GLY C 15 15.48 -17.00 -11.78
C GLY C 15 15.25 -15.68 -12.49
N VAL C 16 14.67 -14.72 -11.77
CA VAL C 16 14.50 -13.36 -12.27
C VAL C 16 15.85 -12.65 -12.36
N ILE C 17 16.12 -12.03 -13.51
CA ILE C 17 17.37 -11.30 -13.68
C ILE C 17 17.11 -9.82 -13.91
N GLY C 18 15.90 -9.48 -14.29
CA GLY C 18 15.60 -8.14 -14.75
C GLY C 18 14.14 -7.78 -14.53
N ARG C 19 13.92 -6.59 -13.98
CA ARG C 19 12.58 -6.06 -13.78
C ARG C 19 12.62 -4.56 -13.95
N GLY C 20 11.62 -4.02 -14.64
CA GLY C 20 11.48 -2.59 -14.81
C GLY C 20 12.62 -1.99 -15.62
N GLY C 21 13.35 -2.86 -16.33
CA GLY C 21 14.45 -2.42 -17.15
C GLY C 21 15.74 -2.26 -16.37
N ASP C 22 15.78 -2.78 -15.16
CA ASP C 22 16.96 -2.64 -14.33
C ASP C 22 17.26 -3.99 -13.70
N ILE C 23 18.36 -4.08 -12.96
CA ILE C 23 18.60 -5.20 -12.07
C ILE C 23 17.88 -4.90 -10.76
N PRO C 24 17.17 -5.88 -10.20
CA PRO C 24 16.39 -5.64 -8.98
C PRO C 24 17.21 -5.59 -7.69
N TRP C 25 18.53 -5.66 -7.78
CA TRP C 25 19.38 -5.62 -6.59
C TRP C 25 20.68 -4.95 -6.96
N ARG C 26 21.47 -4.57 -5.95
CA ARG C 26 22.85 -4.23 -6.18
C ARG C 26 23.70 -5.21 -5.39
N LEU C 27 24.72 -5.76 -6.03
CA LEU C 27 25.63 -6.65 -5.36
C LEU C 27 27.01 -6.44 -5.97
N PRO C 28 27.87 -5.71 -5.26
CA PRO C 28 29.19 -5.33 -5.80
C PRO C 28 30.10 -6.52 -6.05
N GLU C 29 29.97 -7.58 -5.26
CA GLU C 29 30.75 -8.77 -5.51
C GLU C 29 30.39 -9.35 -6.86
N ASP C 30 29.13 -9.24 -7.25
CA ASP C 30 28.71 -9.73 -8.54
C ASP C 30 29.36 -8.92 -9.63
N GLN C 31 29.40 -7.61 -9.42
CA GLN C 31 29.94 -6.69 -10.41
C GLN C 31 31.41 -6.96 -10.66
N ALA C 32 32.15 -7.14 -9.58
CA ALA C 32 33.57 -7.44 -9.66
C ALA C 32 33.75 -8.77 -10.39
N HIS C 33 32.91 -9.73 -10.06
CA HIS C 33 33.00 -11.05 -10.64
C HIS C 33 32.68 -11.01 -12.13
N PHE C 34 31.65 -10.26 -12.49
CA PHE C 34 31.29 -10.06 -13.88
C PHE C 34 32.41 -9.36 -14.64
N ARG C 35 33.07 -8.40 -13.98
CA ARG C 35 34.12 -7.65 -14.62
C ARG C 35 35.28 -8.59 -14.89
N GLU C 36 35.67 -9.32 -13.84
CA GLU C 36 36.82 -10.22 -13.90
C GLU C 36 36.69 -11.24 -15.02
N ILE C 37 35.47 -11.68 -15.28
CA ILE C 37 35.28 -12.75 -16.24
C ILE C 37 35.15 -12.28 -17.67
N THR C 38 34.58 -11.10 -17.85
CA THR C 38 34.34 -10.62 -19.21
C THR C 38 35.45 -9.73 -19.76
N MET C 39 36.22 -9.12 -18.87
CA MET C 39 37.22 -8.14 -19.30
C MET C 39 38.08 -8.67 -20.41
N GLY C 40 38.32 -7.85 -21.45
CA GLY C 40 39.18 -8.27 -22.56
C GLY C 40 38.52 -9.24 -23.55
N HIS C 41 37.24 -9.55 -23.33
CA HIS C 41 36.55 -10.49 -24.18
C HIS C 41 35.54 -9.79 -25.05
N THR C 42 35.07 -10.47 -26.08
CA THR C 42 33.92 -9.99 -26.80
C THR C 42 32.71 -10.25 -25.92
N ILE C 43 31.82 -9.27 -25.80
CA ILE C 43 30.59 -9.48 -25.07
C ILE C 43 29.44 -9.21 -26.00
N VAL C 44 28.41 -10.04 -25.92
CA VAL C 44 27.22 -9.90 -26.76
C VAL C 44 26.00 -9.69 -25.87
N MET C 45 25.12 -8.81 -26.30
CA MET C 45 23.99 -8.47 -25.44
C MET C 45 22.79 -8.01 -26.26
N GLY C 46 21.60 -8.24 -25.72
CA GLY C 46 20.38 -7.79 -26.35
C GLY C 46 20.33 -6.28 -26.40
N ARG C 47 19.56 -5.75 -27.35
CA ARG C 47 19.45 -4.30 -27.43
C ARG C 47 18.87 -3.71 -26.14
N ARG C 48 17.98 -4.43 -25.45
CA ARG C 48 17.47 -3.91 -24.16
C ARG C 48 18.53 -3.86 -23.07
N THR C 49 19.31 -4.92 -22.92
CA THR C 49 20.40 -4.88 -21.95
C THR C 49 21.35 -3.72 -22.24
N TRP C 50 21.62 -3.48 -23.51
CA TRP C 50 22.46 -2.36 -23.87
C TRP C 50 21.83 -1.07 -23.34
N ASP C 51 20.57 -0.84 -23.66
CA ASP C 51 19.83 0.33 -23.15
C ASP C 51 19.78 0.40 -21.63
N SER C 52 19.87 -0.75 -20.96
CA SER C 52 19.70 -0.76 -19.51
C SER C 52 21.00 -0.48 -18.76
N LEU C 53 22.12 -0.53 -19.48
CA LEU C 53 23.42 -0.19 -18.91
C LEU C 53 23.48 1.28 -18.52
N PRO C 54 23.93 1.57 -17.29
CA PRO C 54 24.06 3.00 -16.98
C PRO C 54 25.00 3.62 -18.01
N ALA C 55 24.81 4.90 -18.37
CA ALA C 55 25.65 5.53 -19.38
C ALA C 55 27.13 5.42 -19.01
N LYS C 56 27.39 5.54 -17.72
CA LYS C 56 28.69 5.32 -17.11
C LYS C 56 29.48 4.16 -17.74
N VAL C 57 28.81 3.03 -18.01
CA VAL C 57 29.47 1.85 -18.56
C VAL C 57 28.82 1.34 -19.85
N ARG C 58 28.26 2.23 -20.66
CA ARG C 58 27.77 1.87 -21.97
C ARG C 58 28.55 2.65 -23.00
N PRO C 59 29.45 1.99 -23.75
CA PRO C 59 29.74 0.55 -23.73
C PRO C 59 30.46 0.12 -22.46
N LEU C 60 30.55 -1.19 -22.23
CA LEU C 60 31.40 -1.67 -21.16
C LEU C 60 32.80 -1.56 -21.69
N PRO C 61 33.73 -1.02 -20.89
CA PRO C 61 35.09 -0.74 -21.35
C PRO C 61 35.99 -1.98 -21.27
N GLY C 62 37.02 -2.04 -22.11
CA GLY C 62 37.95 -3.14 -22.08
C GLY C 62 37.44 -4.37 -22.77
N ARG C 63 36.23 -4.30 -23.31
CA ARG C 63 35.57 -5.43 -23.95
C ARG C 63 35.05 -5.02 -25.32
N ARG C 64 35.02 -5.96 -26.25
CA ARG C 64 34.43 -5.68 -27.57
C ARG C 64 32.92 -5.90 -27.51
N ASN C 65 32.19 -4.79 -27.44
CA ASN C 65 30.76 -4.79 -27.19
C ASN C 65 29.93 -5.09 -28.42
N VAL C 66 29.12 -6.15 -28.35
CA VAL C 66 28.29 -6.50 -29.49
C VAL C 66 26.82 -6.55 -29.16
N VAL C 67 26.04 -5.77 -29.89
CA VAL C 67 24.63 -5.64 -29.58
C VAL C 67 23.74 -6.28 -30.61
N LEU C 68 22.88 -7.15 -30.12
CA LEU C 68 22.00 -7.87 -31.01
C LEU C 68 20.70 -7.09 -31.14
N SER C 69 20.40 -6.64 -32.36
CA SER C 69 19.05 -6.11 -32.64
C SER C 69 18.45 -6.55 -33.98
N ARG C 70 17.12 -6.66 -34.02
CA ARG C 70 16.44 -6.84 -35.30
C ARG C 70 16.30 -5.52 -36.06
N GLN C 71 16.64 -4.38 -35.44
CA GLN C 71 16.42 -3.08 -36.06
C GLN C 71 17.55 -2.71 -37.03
N ALA C 72 17.32 -2.93 -38.33
CA ALA C 72 18.33 -2.68 -39.36
C ALA C 72 19.03 -1.33 -39.21
N ASP C 73 18.33 -0.37 -38.63
CA ASP C 73 18.79 1.01 -38.52
C ASP C 73 19.58 1.32 -37.25
N PHE C 74 19.66 0.38 -36.32
CA PHE C 74 19.97 0.74 -34.94
C PHE C 74 21.43 1.07 -34.73
N MET C 75 21.68 2.19 -34.08
CA MET C 75 23.05 2.60 -33.79
C MET C 75 23.35 2.51 -32.30
N ALA C 76 24.42 1.78 -31.96
CA ALA C 76 24.87 1.68 -30.60
C ALA C 76 26.16 2.50 -30.48
N SER C 77 26.12 3.57 -29.71
CA SER C 77 27.32 4.34 -29.52
C SER C 77 28.37 3.55 -28.76
N GLY C 78 29.42 3.12 -29.45
CA GLY C 78 30.53 2.45 -28.82
C GLY C 78 30.44 0.94 -28.88
N ALA C 79 29.51 0.45 -29.68
CA ALA C 79 29.28 -0.99 -29.78
C ALA C 79 28.86 -1.38 -31.18
N GLU C 80 29.03 -2.65 -31.50
CA GLU C 80 28.71 -3.11 -32.82
C GLU C 80 27.35 -3.80 -32.77
N VAL C 81 26.52 -3.51 -33.77
CA VAL C 81 25.15 -3.99 -33.84
C VAL C 81 25.04 -5.02 -34.94
N VAL C 82 24.45 -6.17 -34.64
CA VAL C 82 24.25 -7.22 -35.65
C VAL C 82 22.84 -7.75 -35.54
N GLY C 83 22.38 -8.41 -36.59
CA GLY C 83 21.00 -8.88 -36.68
C GLY C 83 20.83 -10.36 -36.39
N SER C 84 21.90 -11.02 -35.98
CA SER C 84 21.79 -12.43 -35.56
C SER C 84 22.94 -12.83 -34.68
N LEU C 85 22.64 -13.75 -33.77
CA LEU C 85 23.63 -14.27 -32.86
C LEU C 85 24.82 -14.86 -33.61
N GLU C 86 24.54 -15.46 -34.76
CA GLU C 86 25.59 -16.04 -35.60
C GLU C 86 26.71 -15.04 -35.89
N GLU C 87 26.34 -13.79 -36.19
CA GLU C 87 27.32 -12.80 -36.58
C GLU C 87 28.03 -12.30 -35.35
N ALA C 88 27.34 -12.35 -34.23
CA ALA C 88 27.89 -11.90 -32.97
C ALA C 88 28.97 -12.87 -32.47
N LEU C 89 28.88 -14.13 -32.90
CA LEU C 89 29.72 -15.18 -32.34
C LEU C 89 30.98 -15.49 -33.16
N THR C 90 31.46 -14.52 -33.91
CA THR C 90 32.67 -14.73 -34.70
C THR C 90 33.94 -14.81 -33.85
N SER C 91 33.91 -14.26 -32.66
CA SER C 91 35.10 -14.25 -31.80
C SER C 91 35.33 -15.59 -31.11
N PRO C 92 36.61 -16.00 -30.96
CA PRO C 92 36.92 -17.31 -30.38
C PRO C 92 36.35 -17.48 -28.99
N GLU C 93 36.41 -16.44 -28.15
CA GLU C 93 35.80 -16.51 -26.83
C GLU C 93 34.82 -15.34 -26.57
N THR C 94 33.54 -15.63 -26.71
CA THR C 94 32.51 -14.61 -26.58
C THR C 94 31.65 -14.90 -25.37
N TRP C 95 31.37 -13.86 -24.59
CA TRP C 95 30.48 -13.92 -23.44
C TRP C 95 29.12 -13.28 -23.74
N VAL C 96 28.06 -14.05 -23.61
CA VAL C 96 26.74 -13.46 -23.73
C VAL C 96 26.35 -12.94 -22.37
N ILE C 97 26.07 -11.64 -22.30
CA ILE C 97 25.92 -10.99 -21.01
C ILE C 97 24.50 -10.57 -20.71
N GLY C 98 23.57 -10.99 -21.54
CA GLY C 98 22.21 -10.84 -21.10
C GLY C 98 21.14 -10.32 -22.03
N GLY C 99 20.01 -10.13 -21.39
CA GLY C 99 18.72 -10.22 -22.00
C GLY C 99 18.35 -11.66 -21.67
N GLY C 100 17.27 -11.83 -20.92
CA GLY C 100 16.63 -13.13 -20.81
C GLY C 100 16.39 -13.64 -22.22
N GLN C 101 15.94 -12.77 -23.11
CA GLN C 101 15.72 -13.17 -24.50
C GLN C 101 16.99 -13.70 -25.15
N VAL C 102 18.12 -13.03 -24.94
CA VAL C 102 19.34 -13.41 -25.64
C VAL C 102 19.92 -14.67 -25.04
N TYR C 103 19.65 -14.89 -23.76
CA TYR C 103 20.12 -16.11 -23.13
C TYR C 103 19.39 -17.28 -23.75
N ALA C 104 18.07 -17.18 -23.88
CA ALA C 104 17.33 -18.28 -24.49
C ALA C 104 17.99 -18.58 -25.81
N LEU C 105 18.25 -17.52 -26.56
CA LEU C 105 18.77 -17.60 -27.91
C LEU C 105 20.12 -18.26 -27.96
N ALA C 106 20.98 -17.88 -27.02
CA ALA C 106 22.39 -18.28 -27.07
C ALA C 106 22.64 -19.60 -26.37
N LEU C 107 21.72 -20.02 -25.51
CA LEU C 107 21.88 -21.26 -24.74
C LEU C 107 22.42 -22.45 -25.56
N PRO C 108 21.76 -22.80 -26.69
CA PRO C 108 22.18 -23.96 -27.48
C PRO C 108 23.61 -23.85 -27.96
N TYR C 109 24.16 -22.65 -27.98
CA TYR C 109 25.53 -22.46 -28.41
C TYR C 109 26.44 -22.49 -27.20
N ALA C 110 25.84 -22.53 -26.02
CA ALA C 110 26.60 -22.29 -24.79
C ALA C 110 27.21 -23.57 -24.18
N THR C 111 28.49 -23.47 -23.83
CA THR C 111 29.20 -24.56 -23.19
C THR C 111 29.75 -24.08 -21.87
N ARG C 112 29.38 -22.87 -21.49
CA ARG C 112 29.76 -22.38 -20.19
C ARG C 112 28.76 -21.35 -19.68
N CYS C 113 28.42 -21.51 -18.40
CA CYS C 113 27.58 -20.56 -17.69
C CYS C 113 28.26 -20.16 -16.39
N GLU C 114 28.39 -18.85 -16.19
CA GLU C 114 28.83 -18.30 -14.93
C GLU C 114 27.66 -17.51 -14.34
N VAL C 115 27.09 -18.05 -13.27
CA VAL C 115 25.87 -17.55 -12.70
C VAL C 115 26.18 -17.02 -11.30
N THR C 116 25.51 -15.96 -10.90
CA THR C 116 25.55 -15.52 -9.52
C THR C 116 24.11 -15.64 -9.02
N GLU C 117 23.92 -16.36 -7.91
CA GLU C 117 22.59 -16.38 -7.31
C GLU C 117 22.55 -15.49 -6.11
N VAL C 118 21.55 -14.62 -6.07
CA VAL C 118 21.39 -13.69 -4.97
C VAL C 118 20.32 -14.27 -4.07
N ASP C 119 20.56 -14.27 -2.77
CA ASP C 119 19.67 -14.96 -1.82
C ASP C 119 18.42 -14.13 -1.56
N ILE C 120 17.64 -13.95 -2.62
CA ILE C 120 16.40 -13.19 -2.58
C ILE C 120 15.34 -14.00 -3.29
N GLY C 121 14.17 -14.14 -2.67
CA GLY C 121 13.05 -14.83 -3.29
C GLY C 121 12.72 -14.21 -4.64
N LEU C 122 12.14 -13.01 -4.63
CA LEU C 122 11.84 -12.24 -5.84
C LEU C 122 11.06 -12.95 -6.95
N PRO C 123 9.84 -13.41 -6.65
CA PRO C 123 9.03 -14.21 -7.57
C PRO C 123 8.70 -13.46 -8.86
N ARG C 124 8.53 -14.22 -9.93
CA ARG C 124 8.23 -13.70 -11.26
C ARG C 124 6.98 -12.84 -11.31
N GLU C 125 7.06 -11.75 -12.06
CA GLU C 125 5.89 -10.94 -12.38
C GLU C 125 5.87 -10.76 -13.89
N ALA C 126 4.73 -10.34 -14.41
CA ALA C 126 4.56 -10.05 -15.85
C ALA C 126 5.67 -9.17 -16.42
N GLY C 127 6.31 -9.63 -17.49
CA GLY C 127 7.34 -8.86 -18.16
C GLY C 127 8.76 -8.92 -17.58
N ASP C 128 8.94 -9.65 -16.50
CA ASP C 128 10.29 -9.85 -15.97
C ASP C 128 11.17 -10.60 -16.98
N ALA C 129 12.42 -10.19 -17.12
CA ALA C 129 13.43 -11.00 -17.83
C ALA C 129 13.80 -12.16 -16.96
N LEU C 130 14.06 -13.32 -17.56
CA LEU C 130 14.34 -14.50 -16.77
C LEU C 130 15.62 -15.18 -17.19
N ALA C 131 16.27 -15.80 -16.21
CA ALA C 131 17.43 -16.64 -16.45
C ALA C 131 17.04 -17.80 -17.36
N PRO C 132 18.03 -18.32 -18.10
CA PRO C 132 17.82 -19.58 -18.82
C PRO C 132 17.88 -20.71 -17.80
N VAL C 133 17.32 -21.86 -18.15
CA VAL C 133 17.43 -23.00 -17.23
C VAL C 133 18.54 -23.90 -17.65
N LEU C 134 19.29 -24.33 -16.65
CA LEU C 134 20.37 -25.28 -16.80
C LEU C 134 19.84 -26.70 -16.59
N ASP C 135 19.86 -27.51 -17.64
CA ASP C 135 19.47 -28.90 -17.54
C ASP C 135 20.66 -29.79 -17.16
N GLU C 136 20.44 -31.08 -17.24
CA GLU C 136 21.37 -32.04 -16.66
C GLU C 136 22.61 -32.25 -17.49
N THR C 137 22.70 -31.56 -18.63
CA THR C 137 23.85 -31.68 -19.49
C THR C 137 25.00 -30.86 -18.95
N TRP C 138 24.69 -29.96 -18.02
CA TRP C 138 25.71 -29.11 -17.41
C TRP C 138 26.51 -29.80 -16.31
N ARG C 139 27.84 -29.66 -16.40
CA ARG C 139 28.74 -30.06 -15.33
C ARG C 139 29.36 -28.83 -14.68
N GLY C 140 29.56 -28.87 -13.37
CA GLY C 140 30.24 -27.81 -12.66
C GLY C 140 29.95 -27.80 -11.17
N GLU C 141 30.15 -26.65 -10.53
CA GLU C 141 29.91 -26.56 -9.10
C GLU C 141 29.00 -25.40 -8.79
N THR C 142 28.15 -25.65 -7.79
CA THR C 142 27.33 -24.63 -7.17
C THR C 142 28.08 -24.19 -5.92
N GLY C 143 28.63 -22.97 -5.95
CA GLY C 143 29.44 -22.49 -4.85
C GLY C 143 28.70 -22.40 -3.53
N GLU C 144 29.47 -22.27 -2.45
CA GLU C 144 28.89 -22.07 -1.12
C GLU C 144 28.41 -20.63 -0.98
N TRP C 145 27.36 -20.43 -0.18
CA TRP C 145 26.85 -19.09 0.13
C TRP C 145 27.94 -18.18 0.65
N ARG C 146 27.91 -16.92 0.22
CA ARG C 146 28.83 -15.92 0.72
C ARG C 146 28.04 -14.73 1.20
N PHE C 147 28.61 -14.05 2.19
CA PHE C 147 28.00 -12.88 2.79
C PHE C 147 28.54 -11.71 1.98
N SER C 148 27.66 -10.91 1.39
CA SER C 148 28.10 -9.72 0.68
C SER C 148 28.22 -8.54 1.62
N ARG C 149 28.87 -7.48 1.15
CA ARG C 149 28.99 -6.27 1.95
C ARG C 149 27.75 -5.40 1.83
N SER C 150 26.90 -5.68 0.83
CA SER C 150 25.59 -5.07 0.77
C SER C 150 24.73 -5.67 1.87
N GLY C 151 25.12 -6.86 2.34
CA GLY C 151 24.37 -7.55 3.38
C GLY C 151 23.47 -8.65 2.85
N LEU C 152 23.46 -8.79 1.52
CA LEU C 152 22.86 -9.94 0.82
C LEU C 152 23.79 -11.14 0.92
N ARG C 153 23.21 -12.34 1.02
CA ARG C 153 23.96 -13.57 0.86
C ARG C 153 23.90 -13.92 -0.63
N TYR C 154 24.97 -14.48 -1.18
CA TYR C 154 24.91 -14.89 -2.58
C TYR C 154 25.82 -16.09 -2.75
N ARG C 155 25.73 -16.76 -3.89
CA ARG C 155 26.67 -17.83 -4.21
C ARG C 155 26.86 -17.84 -5.71
N LEU C 156 27.94 -18.47 -6.14
CA LEU C 156 28.30 -18.50 -7.55
C LEU C 156 28.20 -19.91 -8.14
N TYR C 157 27.51 -20.05 -9.26
CA TYR C 157 27.54 -21.30 -10.02
C TYR C 157 28.57 -21.16 -11.12
N SER C 158 29.35 -22.21 -11.34
CA SER C 158 30.19 -22.29 -12.51
C SER C 158 29.89 -23.59 -13.28
N TYR C 159 29.20 -23.49 -14.42
CA TYR C 159 28.85 -24.69 -15.14
C TYR C 159 29.36 -24.70 -16.56
N HIS C 160 29.42 -25.88 -17.15
CA HIS C 160 30.06 -26.09 -18.43
C HIS C 160 29.67 -27.45 -19.00
N ARG C 161 29.64 -27.55 -20.33
CA ARG C 161 29.39 -28.80 -21.02
C ARG C 161 30.20 -28.76 -22.31
N SER C 162 29.98 -29.72 -23.19
CA SER C 162 30.76 -29.83 -24.41
C SER C 162 30.00 -29.25 -25.59
N MET D 4 9.29 8.22 -0.03
CA MET D 4 10.56 7.53 -0.05
C MET D 4 10.82 6.74 1.24
N VAL D 5 10.67 7.39 2.39
CA VAL D 5 10.66 6.69 3.68
C VAL D 5 9.36 6.86 4.50
N GLY D 6 8.72 5.74 4.78
CA GLY D 6 7.52 5.72 5.61
C GLY D 6 7.68 4.75 6.77
N LEU D 7 6.85 4.92 7.80
CA LEU D 7 6.78 3.98 8.90
C LEU D 7 5.37 3.49 8.92
N ILE D 8 5.22 2.22 9.27
CA ILE D 8 3.90 1.68 9.39
C ILE D 8 3.89 0.85 10.64
N TRP D 9 2.84 1.01 11.44
CA TRP D 9 2.69 0.24 12.65
C TRP D 9 1.24 0.17 13.11
N ALA D 10 1.01 -0.67 14.11
CA ALA D 10 -0.27 -0.77 14.76
C ALA D 10 0.01 -0.76 16.25
N GLN D 11 -0.71 0.08 16.98
CA GLN D 11 -0.48 0.27 18.42
C GLN D 11 -1.80 0.23 19.16
N ALA D 12 -1.77 -0.24 20.40
CA ALA D 12 -2.87 0.03 21.30
C ALA D 12 -3.03 1.56 21.40
N THR D 13 -4.13 1.99 22.00
CA THR D 13 -4.40 3.41 22.20
C THR D 13 -3.26 4.10 22.94
N SER D 14 -2.83 3.47 24.02
CA SER D 14 -1.71 3.89 24.87
C SER D 14 -0.33 4.08 24.20
N GLY D 15 -0.15 3.58 22.99
CA GLY D 15 1.17 3.62 22.36
C GLY D 15 1.88 2.27 22.21
N VAL D 16 1.53 1.28 23.03
CA VAL D 16 2.19 -0.02 23.01
C VAL D 16 2.10 -0.68 21.65
N ILE D 17 3.24 -1.09 21.09
CA ILE D 17 3.20 -1.93 19.89
C ILE D 17 3.74 -3.30 20.18
N GLY D 18 4.47 -3.43 21.28
CA GLY D 18 5.13 -4.70 21.54
C GLY D 18 5.27 -5.02 23.01
N ARG D 19 5.22 -6.31 23.32
CA ARG D 19 5.40 -6.79 24.68
C ARG D 19 5.84 -8.25 24.66
N GLY D 20 6.88 -8.57 25.41
CA GLY D 20 7.33 -9.94 25.55
C GLY D 20 7.73 -10.54 24.22
N GLY D 21 8.22 -9.71 23.31
CA GLY D 21 8.74 -10.21 22.05
C GLY D 21 7.69 -10.48 21.01
N ASP D 22 6.46 -10.06 21.28
CA ASP D 22 5.38 -10.34 20.37
C ASP D 22 4.43 -9.16 20.36
N ILE D 23 3.39 -9.28 19.57
CA ILE D 23 2.37 -8.28 19.49
C ILE D 23 1.19 -8.76 20.32
N PRO D 24 0.76 -7.93 21.28
CA PRO D 24 -0.21 -8.16 22.36
C PRO D 24 -1.65 -8.22 21.89
N TRP D 25 -1.86 -8.67 20.65
CA TRP D 25 -3.20 -8.77 20.08
C TRP D 25 -3.18 -9.39 18.69
N ARG D 26 -4.35 -9.75 18.19
CA ARG D 26 -4.46 -10.37 16.88
C ARG D 26 -5.55 -9.65 16.12
N LEU D 27 -5.22 -9.17 14.94
CA LEU D 27 -6.13 -8.36 14.15
C LEU D 27 -5.84 -8.55 12.66
N PRO D 28 -6.60 -9.45 12.01
CA PRO D 28 -6.41 -9.80 10.59
C PRO D 28 -6.44 -8.60 9.65
N GLU D 29 -7.44 -7.73 9.83
CA GLU D 29 -7.61 -6.55 8.98
C GLU D 29 -6.36 -5.70 8.94
N ASP D 30 -5.69 -5.58 10.08
CA ASP D 30 -4.46 -4.81 10.17
C ASP D 30 -3.37 -5.46 9.33
N GLN D 31 -3.26 -6.78 9.39
CA GLN D 31 -2.27 -7.47 8.56
C GLN D 31 -2.58 -7.20 7.11
N ALA D 32 -3.86 -7.32 6.75
CA ALA D 32 -4.28 -7.05 5.40
C ALA D 32 -3.84 -5.64 4.96
N HIS D 33 -4.21 -4.65 5.76
CA HIS D 33 -3.79 -3.27 5.51
C HIS D 33 -2.28 -3.08 5.41
N PHE D 34 -1.54 -3.72 6.31
CA PHE D 34 -0.09 -3.66 6.32
C PHE D 34 0.54 -4.21 5.03
N ARG D 35 0.07 -5.38 4.62
CA ARG D 35 0.47 -5.95 3.36
C ARG D 35 0.18 -4.98 2.21
N GLU D 36 -1.03 -4.44 2.17
CA GLU D 36 -1.46 -3.62 1.06
C GLU D 36 -0.58 -2.39 0.92
N ILE D 37 -0.06 -1.90 2.05
CA ILE D 37 0.76 -0.70 2.02
C ILE D 37 2.20 -1.01 1.58
N THR D 38 2.73 -2.12 2.09
CA THR D 38 4.14 -2.41 1.97
C THR D 38 4.47 -3.31 0.78
N MET D 39 3.48 -4.01 0.26
CA MET D 39 3.73 -4.97 -0.83
C MET D 39 4.50 -4.36 -1.99
N GLY D 40 5.57 -5.05 -2.39
CA GLY D 40 6.38 -4.60 -3.49
C GLY D 40 7.49 -3.63 -3.11
N HIS D 41 7.60 -3.30 -1.84
CA HIS D 41 8.57 -2.28 -1.44
C HIS D 41 9.62 -2.94 -0.59
N THR D 42 10.70 -2.21 -0.38
CA THR D 42 11.67 -2.55 0.67
C THR D 42 10.95 -2.31 1.99
N ILE D 43 11.06 -3.28 2.91
CA ILE D 43 10.74 -3.05 4.32
C ILE D 43 11.99 -3.14 5.20
N VAL D 44 12.11 -2.25 6.18
CA VAL D 44 13.22 -2.31 7.12
C VAL D 44 12.67 -2.58 8.53
N MET D 45 13.33 -3.47 9.25
CA MET D 45 12.88 -3.84 10.58
C MET D 45 14.08 -4.07 11.45
N GLY D 46 13.89 -3.94 12.76
CA GLY D 46 14.96 -4.21 13.70
C GLY D 46 15.14 -5.69 13.85
N ARG D 47 16.28 -6.11 14.40
CA ARG D 47 16.55 -7.54 14.56
C ARG D 47 15.54 -8.21 15.47
N ARG D 48 15.12 -7.52 16.53
CA ARG D 48 14.08 -8.06 17.42
C ARG D 48 12.77 -8.36 16.66
N THR D 49 12.38 -7.46 15.76
CA THR D 49 11.18 -7.65 14.95
C THR D 49 11.35 -8.85 14.00
N TRP D 50 12.52 -8.95 13.37
CA TRP D 50 12.87 -10.14 12.60
C TRP D 50 12.65 -11.41 13.43
N ASP D 51 13.30 -11.49 14.60
CA ASP D 51 13.16 -12.64 15.51
C ASP D 51 11.74 -12.87 16.01
N SER D 52 10.92 -11.82 16.06
CA SER D 52 9.55 -11.96 16.55
C SER D 52 8.59 -12.51 15.49
N LEU D 53 8.86 -12.25 14.22
CA LEU D 53 8.12 -12.89 13.13
C LEU D 53 8.10 -14.41 13.26
N PRO D 54 6.93 -15.03 13.03
CA PRO D 54 6.92 -16.49 13.03
C PRO D 54 7.91 -16.99 11.98
N ALA D 55 8.61 -18.08 12.27
CA ALA D 55 9.66 -18.56 11.40
C ALA D 55 9.19 -18.86 9.97
N LYS D 56 7.94 -19.26 9.83
CA LYS D 56 7.45 -19.71 8.52
C LYS D 56 7.07 -18.50 7.69
N VAL D 57 7.20 -17.34 8.26
CA VAL D 57 6.77 -16.15 7.56
C VAL D 57 7.91 -15.15 7.48
N ARG D 58 9.12 -15.61 7.77
CA ARG D 58 10.26 -14.73 7.65
C ARG D 58 11.28 -15.31 6.66
N PRO D 59 11.69 -14.52 5.65
CA PRO D 59 11.36 -13.11 5.37
C PRO D 59 9.90 -12.90 4.99
N LEU D 60 9.34 -11.70 5.19
CA LEU D 60 7.97 -11.50 4.77
C LEU D 60 7.95 -11.50 3.25
N PRO D 61 7.00 -12.23 2.67
CA PRO D 61 6.86 -12.43 1.22
C PRO D 61 6.44 -11.15 0.50
N GLY D 62 6.90 -10.99 -0.74
CA GLY D 62 6.46 -9.90 -1.57
C GLY D 62 7.25 -8.63 -1.38
N ARG D 63 8.19 -8.65 -0.45
CA ARG D 63 8.94 -7.45 -0.11
C ARG D 63 10.43 -7.71 0.05
N ARG D 64 11.24 -6.70 -0.24
CA ARG D 64 12.68 -6.78 -0.02
C ARG D 64 12.95 -6.55 1.45
N ASN D 65 13.26 -7.63 2.16
CA ASN D 65 13.46 -7.58 3.61
C ASN D 65 14.85 -7.14 4.00
N VAL D 66 14.88 -6.14 4.86
CA VAL D 66 16.10 -5.54 5.39
C VAL D 66 16.02 -5.55 6.91
N VAL D 67 17.05 -6.07 7.55
CA VAL D 67 17.04 -6.15 9.00
C VAL D 67 18.23 -5.43 9.52
N LEU D 68 18.02 -4.62 10.55
CA LEU D 68 19.08 -3.91 11.25
C LEU D 68 19.63 -4.70 12.43
N SER D 69 20.94 -4.83 12.50
CA SER D 69 21.59 -5.52 13.61
C SER D 69 22.96 -4.91 13.89
N ARG D 70 23.39 -4.98 15.15
CA ARG D 70 24.79 -4.70 15.49
C ARG D 70 25.59 -6.00 15.76
N GLN D 71 24.99 -7.15 15.47
CA GLN D 71 25.69 -8.39 15.69
C GLN D 71 26.29 -8.84 14.38
N ALA D 72 27.61 -8.67 14.24
CA ALA D 72 28.33 -9.02 13.02
C ALA D 72 28.02 -10.45 12.60
N ASP D 73 27.69 -11.25 13.62
CA ASP D 73 27.40 -12.67 13.51
C ASP D 73 26.09 -12.99 12.77
N PHE D 74 25.15 -12.06 12.84
CA PHE D 74 23.75 -12.32 12.51
C PHE D 74 23.54 -12.58 11.03
N MET D 75 22.70 -13.56 10.75
CA MET D 75 22.35 -13.91 9.38
C MET D 75 20.83 -13.95 9.26
N ALA D 76 20.29 -13.35 8.21
CA ALA D 76 18.84 -13.35 7.99
C ALA D 76 18.54 -13.86 6.58
N SER D 77 18.15 -15.13 6.51
CA SER D 77 17.94 -15.81 5.24
C SER D 77 16.83 -15.18 4.42
N GLY D 78 17.14 -14.87 3.17
CA GLY D 78 16.15 -14.35 2.26
C GLY D 78 16.02 -12.85 2.39
N ALA D 79 16.89 -12.28 3.22
CA ALA D 79 16.90 -10.86 3.50
C ALA D 79 18.32 -10.28 3.59
N GLU D 80 18.39 -8.95 3.52
CA GLU D 80 19.64 -8.23 3.65
C GLU D 80 19.82 -7.82 5.11
N VAL D 81 21.03 -7.88 5.63
CA VAL D 81 21.23 -7.51 7.03
C VAL D 81 22.20 -6.35 7.06
N VAL D 82 21.78 -5.24 7.68
CA VAL D 82 22.64 -4.06 7.75
C VAL D 82 22.84 -3.51 9.17
N GLY D 83 23.88 -2.70 9.33
CA GLY D 83 24.31 -2.19 10.62
C GLY D 83 24.03 -0.70 10.79
N SER D 84 23.44 -0.07 9.80
CA SER D 84 23.06 1.31 9.94
C SER D 84 21.83 1.64 9.12
N LEU D 85 21.04 2.58 9.60
CA LEU D 85 19.80 2.94 8.94
C LEU D 85 20.06 3.49 7.55
N GLU D 86 21.21 4.12 7.39
CA GLU D 86 21.54 4.70 6.10
C GLU D 86 21.72 3.60 5.05
N GLU D 87 22.34 2.48 5.45
CA GLU D 87 22.54 1.36 4.54
C GLU D 87 21.19 0.80 4.12
N ALA D 88 20.18 0.95 4.98
CA ALA D 88 18.88 0.35 4.73
C ALA D 88 17.97 1.26 3.93
N LEU D 89 18.35 2.53 3.79
CA LEU D 89 17.43 3.48 3.16
C LEU D 89 17.80 3.81 1.72
N THR D 90 18.35 2.82 1.00
CA THR D 90 18.89 3.05 -0.33
C THR D 90 17.85 2.98 -1.44
N SER D 91 16.65 2.49 -1.13
CA SER D 91 15.67 2.23 -2.19
C SER D 91 14.87 3.47 -2.48
N PRO D 92 14.19 3.52 -3.64
CA PRO D 92 13.37 4.68 -3.98
C PRO D 92 12.26 4.84 -2.96
N GLU D 93 11.66 3.71 -2.57
CA GLU D 93 10.60 3.71 -1.58
C GLU D 93 10.79 2.60 -0.54
N THR D 94 10.75 3.02 0.73
CA THR D 94 11.02 2.17 1.86
C THR D 94 9.93 2.32 2.94
N TRP D 95 9.47 1.19 3.49
CA TRP D 95 8.64 1.18 4.69
C TRP D 95 9.40 0.60 5.87
N VAL D 96 9.59 1.42 6.90
CA VAL D 96 10.12 0.93 8.15
C VAL D 96 8.95 0.25 8.85
N ILE D 97 9.12 -1.03 9.14
CA ILE D 97 8.01 -1.79 9.72
C ILE D 97 8.25 -2.15 11.17
N GLY D 98 9.22 -1.49 11.79
CA GLY D 98 9.23 -1.48 13.22
C GLY D 98 10.25 -2.19 14.07
N GLY D 99 9.77 -2.51 15.26
CA GLY D 99 10.56 -2.45 16.45
C GLY D 99 10.38 -1.01 16.93
N GLY D 100 10.14 -0.84 18.21
CA GLY D 100 10.07 0.51 18.74
C GLY D 100 11.43 1.17 18.62
N GLN D 101 12.50 0.40 18.70
CA GLN D 101 13.82 1.01 18.65
C GLN D 101 14.03 1.61 17.29
N VAL D 102 13.58 0.90 16.27
CA VAL D 102 13.80 1.32 14.90
C VAL D 102 12.89 2.46 14.44
N TYR D 103 11.62 2.45 14.87
CA TYR D 103 10.72 3.54 14.56
C TYR D 103 11.33 4.82 15.03
N ALA D 104 11.83 4.78 16.27
CA ALA D 104 12.42 5.96 16.90
C ALA D 104 13.65 6.40 16.13
N LEU D 105 14.41 5.42 15.66
CA LEU D 105 15.62 5.70 14.92
C LEU D 105 15.29 6.31 13.56
N ALA D 106 14.20 5.87 12.96
CA ALA D 106 13.91 6.20 11.57
C ALA D 106 12.86 7.30 11.40
N LEU D 107 12.06 7.54 12.41
CA LEU D 107 11.06 8.60 12.33
C LEU D 107 11.62 9.88 11.67
N PRO D 108 12.77 10.37 12.14
CA PRO D 108 13.40 11.55 11.54
C PRO D 108 13.63 11.46 10.02
N TYR D 109 13.76 10.25 9.47
CA TYR D 109 13.94 10.05 8.03
C TYR D 109 12.64 9.95 7.25
N ALA D 110 11.51 9.95 7.96
CA ALA D 110 10.25 9.57 7.34
C ALA D 110 9.41 10.76 6.89
N THR D 111 8.65 10.61 5.83
CA THR D 111 7.68 11.66 5.49
C THR D 111 6.24 11.16 5.61
N ARG D 112 6.08 9.89 5.96
CA ARG D 112 4.76 9.29 6.03
C ARG D 112 4.72 8.28 7.15
N CYS D 113 3.63 8.23 7.88
CA CYS D 113 3.39 7.14 8.80
C CYS D 113 1.98 6.68 8.53
N GLU D 114 1.82 5.36 8.45
CA GLU D 114 0.52 4.76 8.33
C GLU D 114 0.31 3.98 9.63
N VAL D 115 -0.79 4.28 10.30
CA VAL D 115 -0.92 3.84 11.66
C VAL D 115 -2.24 3.13 11.84
N THR D 116 -2.20 2.04 12.60
CA THR D 116 -3.42 1.35 12.94
C THR D 116 -3.61 1.46 14.43
N GLU D 117 -4.77 1.94 14.83
CA GLU D 117 -5.03 2.06 16.25
C GLU D 117 -5.99 0.98 16.60
N VAL D 118 -5.59 0.17 17.57
CA VAL D 118 -6.38 -0.94 18.01
C VAL D 118 -7.02 -0.54 19.32
N ASP D 119 -8.34 -0.63 19.38
CA ASP D 119 -9.03 -0.26 20.60
C ASP D 119 -8.94 -1.35 21.67
N ILE D 120 -7.78 -1.39 22.34
CA ILE D 120 -7.55 -2.29 23.48
C ILE D 120 -6.91 -1.47 24.61
N GLY D 121 -7.30 -1.78 25.84
CA GLY D 121 -6.97 -0.96 26.99
C GLY D 121 -5.61 -1.21 27.61
N LEU D 122 -4.76 -1.97 26.92
CA LEU D 122 -3.40 -2.19 27.39
C LEU D 122 -2.72 -0.85 27.73
N PRO D 123 -2.16 -0.73 28.95
CA PRO D 123 -1.42 0.48 29.32
C PRO D 123 0.07 0.36 28.96
N ARG D 124 0.75 1.49 28.86
CA ARG D 124 2.18 1.54 28.62
C ARG D 124 2.87 0.91 29.83
N GLU D 125 3.80 -0.02 29.59
CA GLU D 125 4.60 -0.55 30.67
C GLU D 125 6.08 -0.44 30.35
N ALA D 126 6.93 -0.34 31.37
CA ALA D 126 8.36 -0.38 31.13
C ALA D 126 8.68 -1.62 30.32
N GLY D 127 9.46 -1.44 29.26
CA GLY D 127 9.91 -2.55 28.44
C GLY D 127 9.10 -2.79 27.18
N ASP D 128 7.89 -2.23 27.13
CA ASP D 128 7.08 -2.34 25.93
C ASP D 128 7.80 -1.68 24.79
N ALA D 129 7.67 -2.24 23.59
CA ALA D 129 8.07 -1.49 22.42
C ALA D 129 6.96 -0.49 22.24
N LEU D 130 7.31 0.76 21.94
CA LEU D 130 6.34 1.84 21.85
C LEU D 130 6.27 2.49 20.48
N ALA D 131 5.09 2.96 20.11
CA ALA D 131 4.96 3.76 18.91
C ALA D 131 5.69 5.07 19.15
N PRO D 132 6.30 5.64 18.09
CA PRO D 132 6.99 6.94 18.18
C PRO D 132 5.94 8.05 18.28
N VAL D 133 6.30 9.16 18.91
CA VAL D 133 5.38 10.29 19.02
C VAL D 133 5.58 11.25 17.87
N LEU D 134 4.50 11.78 17.32
CA LEU D 134 4.61 12.69 16.20
C LEU D 134 4.55 14.13 16.69
N ASP D 135 5.55 14.92 16.32
CA ASP D 135 5.54 16.35 16.64
C ASP D 135 4.66 17.14 15.67
N GLU D 136 4.82 18.45 15.66
CA GLU D 136 3.88 19.29 14.92
C GLU D 136 4.22 19.44 13.46
N THR D 137 5.28 18.80 12.99
CA THR D 137 5.60 18.84 11.57
C THR D 137 4.69 17.91 10.79
N TRP D 138 3.98 17.04 11.51
CA TRP D 138 3.12 16.04 10.90
C TRP D 138 1.69 16.50 10.68
N ARG D 139 1.13 16.04 9.58
CA ARG D 139 -0.25 16.26 9.24
C ARG D 139 -0.98 14.92 9.21
N GLY D 140 -2.05 14.81 9.97
CA GLY D 140 -2.77 13.56 10.05
C GLY D 140 -4.17 13.59 9.47
N GLU D 141 -4.53 12.46 8.89
CA GLU D 141 -5.91 12.20 8.56
C GLU D 141 -6.34 10.99 9.37
N THR D 142 -7.47 11.09 10.05
CA THR D 142 -7.92 10.01 10.93
C THR D 142 -9.10 9.24 10.31
N GLY D 143 -8.95 7.94 10.13
CA GLY D 143 -10.00 7.12 9.54
C GLY D 143 -11.07 6.79 10.56
N GLU D 144 -12.23 6.40 10.07
CA GLU D 144 -13.34 6.05 10.96
C GLU D 144 -13.09 4.71 11.65
N TRP D 145 -13.75 4.52 12.79
CA TRP D 145 -13.68 3.23 13.51
C TRP D 145 -14.18 2.06 12.67
N ARG D 146 -13.60 0.90 12.93
CA ARG D 146 -13.88 -0.30 12.16
C ARG D 146 -13.86 -1.46 13.15
N PHE D 147 -14.55 -2.53 12.79
CA PHE D 147 -14.73 -3.64 13.69
C PHE D 147 -14.13 -4.88 13.08
N SER D 148 -13.18 -5.48 13.79
CA SER D 148 -12.55 -6.71 13.32
C SER D 148 -13.34 -7.95 13.72
N ARG D 149 -13.19 -9.03 12.96
CA ARG D 149 -13.83 -10.29 13.31
C ARG D 149 -13.16 -10.89 14.55
N SER D 150 -12.01 -10.34 14.91
CA SER D 150 -11.30 -10.77 16.11
C SER D 150 -11.94 -10.15 17.35
N GLY D 151 -12.84 -9.21 17.11
CA GLY D 151 -13.62 -8.60 18.17
C GLY D 151 -13.03 -7.28 18.61
N LEU D 152 -12.00 -6.83 17.89
CA LEU D 152 -11.35 -5.57 18.20
C LEU D 152 -11.87 -4.44 17.32
N ARG D 153 -12.05 -3.27 17.91
CA ARG D 153 -12.34 -2.09 17.14
C ARG D 153 -10.97 -1.60 16.70
N TYR D 154 -10.85 -1.08 15.50
CA TYR D 154 -9.58 -0.49 15.06
C TYR D 154 -9.80 0.65 14.08
N ARG D 155 -8.81 1.52 13.94
CA ARG D 155 -8.86 2.51 12.87
C ARG D 155 -7.51 2.88 12.28
N LEU D 156 -7.57 3.41 11.07
CA LEU D 156 -6.41 3.78 10.30
C LEU D 156 -6.19 5.27 10.42
N TYR D 157 -4.92 5.65 10.61
CA TYR D 157 -4.46 7.02 10.49
C TYR D 157 -3.41 7.07 9.38
N SER D 158 -3.41 8.15 8.62
CA SER D 158 -2.30 8.43 7.71
C SER D 158 -1.66 9.76 8.07
N TYR D 159 -0.37 9.74 8.30
CA TYR D 159 0.36 10.97 8.57
C TYR D 159 1.33 11.25 7.44
N HIS D 160 1.48 12.54 7.11
CA HIS D 160 2.51 12.98 6.17
C HIS D 160 3.16 14.26 6.61
N ARG D 161 4.28 14.56 5.97
CA ARG D 161 4.97 15.84 6.17
C ARG D 161 5.96 16.03 5.06
N SER D 162 6.66 17.16 5.11
CA SER D 162 7.67 17.51 4.14
C SER D 162 9.08 17.10 4.54
#